data_6IYA
#
_entry.id   6IYA
#
_cell.length_a   58.541
_cell.length_b   60.949
_cell.length_c   105.098
_cell.angle_alpha   90.000
_cell.angle_beta   90.000
_cell.angle_gamma   90.000
#
_symmetry.space_group_name_H-M   'P 21 2 21'
#
loop_
_entity.id
_entity.type
_entity.pdbx_description
1 polymer 'Transcriptional regulator CopG family'
2 water water
#
_entity_poly.entity_id   1
_entity_poly.type   'polypeptide(L)'
_entity_poly.pdbx_seq_one_letter_code
;MSTIKPVSVKLDADIKARVEHLAETRKRSSHWMMREAIREYVEREEKREALQQEALRALEHHHHHH
;
_entity_poly.pdbx_strand_id   A,B,C,D,E,F
#
# COMPACT_ATOMS: atom_id res chain seq x y z
N SER A 2 23.53 7.26 -16.55
CA SER A 2 23.18 6.83 -15.21
C SER A 2 23.44 5.33 -15.02
N THR A 3 23.89 4.95 -13.83
CA THR A 3 24.20 3.56 -13.53
C THR A 3 22.97 2.84 -12.99
N ILE A 4 23.15 1.58 -12.61
CA ILE A 4 22.06 0.71 -12.18
C ILE A 4 22.42 0.11 -10.83
N LYS A 5 21.43 0.04 -9.93
CA LYS A 5 21.59 -0.53 -8.60
C LYS A 5 20.80 -1.82 -8.49
N PRO A 6 21.44 -2.96 -8.28
CA PRO A 6 20.70 -4.23 -8.12
C PRO A 6 20.21 -4.39 -6.69
N VAL A 7 18.90 -4.49 -6.52
CA VAL A 7 18.27 -4.69 -5.22
C VAL A 7 17.73 -6.11 -5.16
N SER A 8 17.83 -6.73 -3.99
CA SER A 8 17.31 -8.07 -3.78
C SER A 8 15.90 -7.97 -3.21
N VAL A 9 14.93 -8.57 -3.90
CA VAL A 9 13.53 -8.51 -3.51
C VAL A 9 13.08 -9.92 -3.14
N LYS A 10 12.69 -10.10 -1.88
CA LYS A 10 12.19 -11.38 -1.41
C LYS A 10 10.74 -11.53 -1.85
N LEU A 11 10.49 -12.40 -2.84
CA LEU A 11 9.15 -12.68 -3.33
C LEU A 11 8.78 -14.11 -3.00
N ASP A 12 7.51 -14.32 -2.64
CA ASP A 12 7.04 -15.68 -2.41
C ASP A 12 6.88 -16.41 -3.74
N ALA A 13 6.89 -17.74 -3.67
CA ALA A 13 6.88 -18.55 -4.87
C ALA A 13 5.60 -18.35 -5.69
N ASP A 14 4.50 -18.01 -5.02
CA ASP A 14 3.24 -17.81 -5.74
C ASP A 14 3.30 -16.57 -6.63
N ILE A 15 3.78 -15.45 -6.09
CA ILE A 15 3.83 -14.22 -6.87
C ILE A 15 4.91 -14.30 -7.93
N LYS A 16 6.05 -14.92 -7.60
CA LYS A 16 7.14 -15.02 -8.56
C LYS A 16 6.76 -15.88 -9.77
N ALA A 17 5.93 -16.90 -9.57
CA ALA A 17 5.53 -17.74 -10.69
C ALA A 17 4.51 -17.05 -11.59
N ARG A 18 3.58 -16.28 -11.00
CA ARG A 18 2.60 -15.59 -11.81
C ARG A 18 3.24 -14.45 -12.61
N VAL A 19 4.33 -13.89 -12.12
CA VAL A 19 5.03 -12.84 -12.87
C VAL A 19 5.74 -13.44 -14.07
N GLU A 20 6.31 -14.64 -13.91
CA GLU A 20 7.02 -15.28 -15.02
C GLU A 20 6.08 -15.79 -16.09
N HIS A 21 4.83 -16.09 -15.75
N HIS A 21 4.83 -16.08 -15.74
CA HIS A 21 3.87 -16.56 -16.73
CA HIS A 21 3.87 -16.56 -16.73
C HIS A 21 3.43 -15.44 -17.66
C HIS A 21 3.41 -15.45 -17.66
N LEU A 22 3.18 -14.25 -17.11
CA LEU A 22 2.70 -13.14 -17.91
C LEU A 22 3.75 -12.68 -18.91
N ALA A 23 5.04 -12.78 -18.55
CA ALA A 23 6.08 -12.35 -19.48
C ALA A 23 6.16 -13.25 -20.70
N GLU A 24 5.88 -14.54 -20.55
CA GLU A 24 5.91 -15.39 -21.73
C GLU A 24 4.72 -15.12 -22.64
N THR A 25 3.57 -14.73 -22.07
CA THR A 25 2.38 -14.50 -22.85
C THR A 25 2.36 -13.14 -23.52
N ARG A 26 3.13 -12.18 -23.00
CA ARG A 26 3.27 -10.85 -23.59
C ARG A 26 4.68 -10.60 -24.12
N LYS A 27 5.41 -11.68 -24.39
CA LYS A 27 6.77 -11.62 -24.93
C LYS A 27 7.71 -10.68 -24.16
N ARG A 28 7.36 -10.35 -22.92
CA ARG A 28 8.24 -9.56 -22.08
C ARG A 28 9.15 -10.49 -21.27
N SER A 29 10.01 -9.91 -20.44
CA SER A 29 10.84 -10.66 -19.51
C SER A 29 10.39 -10.36 -18.08
N SER A 30 10.49 -11.38 -17.23
CA SER A 30 10.04 -11.22 -15.85
C SER A 30 10.82 -10.14 -15.13
N HIS A 31 12.10 -9.94 -15.49
CA HIS A 31 12.88 -8.88 -14.88
C HIS A 31 12.42 -7.51 -15.32
N TRP A 32 12.01 -7.38 -16.59
CA TRP A 32 11.55 -6.08 -17.09
C TRP A 32 10.23 -5.68 -16.46
N MET A 33 9.33 -6.64 -16.22
CA MET A 33 8.04 -6.27 -15.66
C MET A 33 8.14 -5.86 -14.21
N MET A 34 9.07 -6.45 -13.45
CA MET A 34 9.24 -6.02 -12.06
C MET A 34 9.78 -4.60 -12.01
N ARG A 35 10.63 -4.21 -12.96
CA ARG A 35 11.07 -2.83 -13.05
C ARG A 35 9.92 -1.90 -13.38
N GLU A 36 9.07 -2.30 -14.34
N GLU A 36 9.07 -2.30 -14.34
CA GLU A 36 7.91 -1.49 -14.68
CA GLU A 36 7.91 -1.50 -14.69
C GLU A 36 6.89 -1.47 -13.56
C GLU A 36 6.90 -1.47 -13.55
N ALA A 37 6.78 -2.58 -12.80
CA ALA A 37 5.88 -2.59 -11.65
C ALA A 37 6.33 -1.60 -10.59
N ILE A 38 7.63 -1.58 -10.32
CA ILE A 38 8.17 -0.63 -9.35
C ILE A 38 8.08 0.79 -9.89
N ARG A 39 8.43 0.99 -11.16
CA ARG A 39 8.42 2.33 -11.74
C ARG A 39 7.03 2.95 -11.67
N GLU A 40 6.01 2.21 -12.10
CA GLU A 40 4.65 2.73 -12.06
C GLU A 40 4.15 2.95 -10.64
N TYR A 41 4.67 2.17 -9.68
CA TYR A 41 4.24 2.34 -8.29
C TYR A 41 4.71 3.68 -7.72
N VAL A 42 5.99 4.01 -7.92
CA VAL A 42 6.48 5.29 -7.41
C VAL A 42 5.81 6.45 -8.11
N GLU A 43 5.67 6.35 -9.44
CA GLU A 43 5.06 7.43 -10.20
C GLU A 43 3.65 7.73 -9.72
N ARG A 44 2.85 6.68 -9.47
CA ARG A 44 1.49 6.91 -9.00
C ARG A 44 1.47 7.43 -7.57
N GLU A 45 2.27 6.85 -6.69
CA GLU A 45 2.20 7.22 -5.28
C GLU A 45 2.86 8.55 -4.97
N GLU A 46 3.86 8.96 -5.76
CA GLU A 46 4.48 10.26 -5.51
C GLU A 46 3.61 11.42 -5.97
N LYS A 47 2.84 11.23 -7.05
CA LYS A 47 1.93 12.28 -7.49
C LYS A 47 0.72 12.42 -6.55
N ARG A 48 0.50 11.46 -5.66
CA ARG A 48 -0.53 11.59 -4.63
C ARG A 48 -0.02 12.28 -3.37
N GLU A 49 1.27 12.59 -3.30
CA GLU A 49 1.83 13.28 -2.14
C GLU A 49 1.94 14.78 -2.42
N SER B 2 9.87 -24.50 -0.90
CA SER B 2 10.27 -23.16 -0.48
C SER B 2 9.38 -22.10 -1.12
N THR B 3 8.75 -21.27 -0.28
CA THR B 3 7.88 -20.20 -0.74
C THR B 3 8.53 -18.83 -0.51
N ILE B 4 9.86 -18.76 -0.63
CA ILE B 4 10.59 -17.50 -0.48
C ILE B 4 11.77 -17.50 -1.44
N LYS B 5 11.69 -16.64 -2.46
CA LYS B 5 12.71 -16.59 -3.49
C LYS B 5 13.25 -15.16 -3.57
N PRO B 6 14.53 -14.94 -3.26
CA PRO B 6 15.12 -13.60 -3.38
C PRO B 6 15.53 -13.36 -4.83
N VAL B 7 14.93 -12.35 -5.45
CA VAL B 7 15.23 -11.98 -6.83
C VAL B 7 15.97 -10.64 -6.83
N SER B 8 16.97 -10.53 -7.68
CA SER B 8 17.74 -9.31 -7.85
C SER B 8 17.15 -8.50 -8.99
N VAL B 9 16.76 -7.25 -8.71
CA VAL B 9 16.14 -6.37 -9.69
C VAL B 9 17.10 -5.22 -9.94
N LYS B 10 17.55 -5.09 -11.18
CA LYS B 10 18.45 -4.00 -11.56
C LYS B 10 17.63 -2.72 -11.70
N LEU B 11 17.78 -1.82 -10.73
CA LEU B 11 17.09 -0.53 -10.74
C LEU B 11 18.09 0.60 -10.90
N ASP B 12 17.74 1.61 -11.68
CA ASP B 12 18.61 2.77 -11.80
C ASP B 12 18.53 3.60 -10.53
N ALA B 13 19.56 4.44 -10.33
CA ALA B 13 19.67 5.21 -9.10
C ALA B 13 18.51 6.16 -8.92
N ASP B 14 17.88 6.61 -10.02
CA ASP B 14 16.76 7.53 -9.91
C ASP B 14 15.55 6.85 -9.26
N ILE B 15 15.20 5.66 -9.75
CA ILE B 15 14.06 4.94 -9.19
C ILE B 15 14.40 4.39 -7.82
N LYS B 16 15.65 3.96 -7.62
CA LYS B 16 16.06 3.41 -6.34
C LYS B 16 15.99 4.45 -5.24
N ALA B 17 16.28 5.71 -5.56
CA ALA B 17 16.20 6.76 -4.55
C ALA B 17 14.76 7.18 -4.27
N ARG B 18 13.92 7.25 -5.31
CA ARG B 18 12.53 7.65 -5.09
C ARG B 18 11.74 6.59 -4.33
N VAL B 19 12.11 5.32 -4.47
CA VAL B 19 11.42 4.27 -3.72
C VAL B 19 11.79 4.36 -2.24
N GLU B 20 13.06 4.65 -1.93
CA GLU B 20 13.48 4.74 -0.54
C GLU B 20 12.95 6.02 0.11
N HIS B 21 12.91 7.12 -0.64
CA HIS B 21 12.36 8.36 -0.11
C HIS B 21 10.89 8.21 0.24
N LEU B 22 10.10 7.69 -0.70
CA LEU B 22 8.69 7.41 -0.44
C LEU B 22 8.54 6.50 0.77
N ALA B 23 9.47 5.56 0.95
CA ALA B 23 9.40 4.63 2.07
C ALA B 23 9.69 5.31 3.40
N GLU B 24 10.58 6.31 3.41
CA GLU B 24 10.89 7.02 4.64
C GLU B 24 9.73 7.90 5.08
N THR B 25 8.94 8.42 4.14
CA THR B 25 7.85 9.32 4.48
C THR B 25 6.60 8.59 5.00
N ARG B 26 6.46 7.29 4.72
CA ARG B 26 5.34 6.51 5.22
C ARG B 26 5.71 5.43 6.23
N LYS B 27 6.99 5.31 6.59
CA LYS B 27 7.52 4.37 7.58
C LYS B 27 7.36 2.90 7.21
N ARG B 28 7.03 2.57 5.97
CA ARG B 28 7.16 1.21 5.46
CA ARG B 28 7.17 1.21 5.50
C ARG B 28 8.46 1.09 4.69
N SER B 29 9.12 -0.06 4.80
CA SER B 29 10.42 -0.22 4.18
C SER B 29 10.31 -0.17 2.65
N SER B 30 11.41 0.29 2.02
CA SER B 30 11.47 0.31 0.56
C SER B 30 11.35 -1.10 -0.01
N HIS B 31 11.79 -2.10 0.73
CA HIS B 31 11.65 -3.48 0.29
C HIS B 31 10.19 -3.92 0.32
N TRP B 32 9.42 -3.44 1.29
CA TRP B 32 8.01 -3.80 1.38
C TRP B 32 7.22 -3.23 0.21
N MET B 33 7.56 -2.02 -0.23
CA MET B 33 6.81 -1.41 -1.33
C MET B 33 7.11 -2.06 -2.66
N MET B 34 8.33 -2.55 -2.86
CA MET B 34 8.64 -3.22 -4.12
C MET B 34 7.88 -4.54 -4.24
N ARG B 35 7.71 -5.26 -3.13
CA ARG B 35 6.90 -6.46 -3.16
C ARG B 35 5.43 -6.13 -3.41
N GLU B 36 4.94 -5.02 -2.83
CA GLU B 36 3.58 -4.60 -3.09
C GLU B 36 3.43 -4.03 -4.49
N ALA B 37 4.47 -3.36 -5.00
CA ALA B 37 4.43 -2.87 -6.37
C ALA B 37 4.29 -4.01 -7.37
N ILE B 38 5.07 -5.08 -7.18
CA ILE B 38 4.97 -6.23 -8.07
C ILE B 38 3.63 -6.93 -7.89
N ARG B 39 3.17 -7.07 -6.65
CA ARG B 39 1.92 -7.79 -6.40
C ARG B 39 0.74 -7.12 -7.09
N GLU B 40 0.68 -5.80 -7.05
CA GLU B 40 -0.42 -5.09 -7.71
C GLU B 40 -0.32 -5.17 -9.22
N TYR B 41 0.89 -5.29 -9.76
CA TYR B 41 1.07 -5.38 -11.21
C TYR B 41 0.47 -6.67 -11.77
N VAL B 42 0.78 -7.81 -11.15
CA VAL B 42 0.24 -9.08 -11.62
C VAL B 42 -1.27 -9.12 -11.44
N GLU B 43 -1.76 -8.69 -10.28
CA GLU B 43 -3.20 -8.73 -10.03
C GLU B 43 -3.97 -7.89 -11.05
N ARG B 44 -3.46 -6.69 -11.37
CA ARG B 44 -4.13 -5.86 -12.35
C ARG B 44 -4.00 -6.44 -13.75
N GLU B 45 -2.80 -6.90 -14.14
CA GLU B 45 -2.59 -7.38 -15.50
C GLU B 45 -3.19 -8.76 -15.72
N GLU B 46 -3.37 -9.56 -14.67
CA GLU B 46 -3.97 -10.87 -14.86
C GLU B 46 -5.46 -10.76 -15.12
N LYS B 47 -6.13 -9.78 -14.52
CA LYS B 47 -7.54 -9.54 -14.80
C LYS B 47 -7.77 -8.95 -16.18
N ARG B 48 -6.72 -8.46 -16.84
CA ARG B 48 -6.81 -8.01 -18.23
C ARG B 48 -6.58 -9.14 -19.23
N GLU B 49 -6.24 -10.33 -18.77
CA GLU B 49 -6.04 -11.48 -19.66
C GLU B 49 -7.29 -12.34 -19.72
N LYS C 5 -16.70 18.91 -19.79
CA LYS C 5 -17.72 18.12 -20.46
C LYS C 5 -18.19 16.99 -19.56
N PRO C 6 -19.46 17.00 -19.17
CA PRO C 6 -19.99 15.94 -18.30
C PRO C 6 -20.40 14.71 -19.09
N VAL C 7 -19.77 13.57 -18.79
CA VAL C 7 -20.09 12.30 -19.40
C VAL C 7 -20.80 11.42 -18.38
N SER C 8 -21.82 10.69 -18.83
CA SER C 8 -22.57 9.79 -17.98
C SER C 8 -21.96 8.39 -18.11
N VAL C 9 -21.56 7.81 -16.98
CA VAL C 9 -20.92 6.51 -16.95
C VAL C 9 -21.86 5.53 -16.25
N LYS C 10 -22.31 4.52 -17.01
CA LYS C 10 -23.19 3.49 -16.49
C LYS C 10 -22.36 2.47 -15.70
N LEU C 11 -22.50 2.49 -14.38
CA LEU C 11 -21.81 1.57 -13.49
C LEU C 11 -22.83 0.64 -12.84
N ASP C 12 -22.46 -0.62 -12.67
CA ASP C 12 -23.34 -1.56 -12.01
C ASP C 12 -23.43 -1.25 -10.51
N ALA C 13 -24.51 -1.75 -9.89
CA ALA C 13 -24.80 -1.40 -8.50
C ALA C 13 -23.70 -1.90 -7.56
N ASP C 14 -22.98 -2.95 -7.93
CA ASP C 14 -21.94 -3.47 -7.06
C ASP C 14 -20.77 -2.49 -6.95
N ILE C 15 -20.28 -1.99 -8.08
CA ILE C 15 -19.14 -1.07 -8.05
C ILE C 15 -19.55 0.31 -7.57
N LYS C 16 -20.77 0.76 -7.90
CA LYS C 16 -21.20 2.09 -7.49
C LYS C 16 -21.26 2.21 -5.97
N ALA C 17 -21.64 1.14 -5.27
CA ALA C 17 -21.67 1.17 -3.83
C ALA C 17 -20.26 1.06 -3.25
N ARG C 18 -19.41 0.28 -3.91
CA ARG C 18 -18.03 0.09 -3.45
C ARG C 18 -17.21 1.37 -3.56
N VAL C 19 -17.54 2.22 -4.55
CA VAL C 19 -16.84 3.50 -4.67
C VAL C 19 -17.31 4.48 -3.59
N GLU C 20 -18.62 4.44 -3.26
CA GLU C 20 -19.14 5.36 -2.26
C GLU C 20 -18.65 4.98 -0.86
N HIS C 21 -18.62 3.68 -0.55
CA HIS C 21 -18.11 3.23 0.74
C HIS C 21 -16.63 3.57 0.88
N LEU C 22 -15.86 3.44 -0.20
CA LEU C 22 -14.45 3.76 -0.15
C LEU C 22 -14.23 5.27 0.02
N ALA C 23 -15.06 6.07 -0.64
CA ALA C 23 -14.96 7.52 -0.46
C ALA C 23 -15.42 7.93 0.92
N GLU C 24 -16.37 7.18 1.49
CA GLU C 24 -16.86 7.47 2.83
C GLU C 24 -15.80 7.20 3.89
N THR C 25 -14.94 6.20 3.68
CA THR C 25 -13.93 5.84 4.67
C THR C 25 -12.70 6.71 4.63
N ARG C 26 -12.40 7.34 3.49
CA ARG C 26 -11.28 8.26 3.37
C ARG C 26 -11.44 9.76 3.59
N LYS C 27 -12.66 10.18 3.95
CA LYS C 27 -13.24 11.52 3.90
C LYS C 27 -13.15 12.28 2.58
N ARG C 28 -13.55 11.64 1.49
CA ARG C 28 -13.51 12.26 0.18
C ARG C 28 -14.78 11.95 -0.61
N SER C 29 -14.87 12.56 -1.79
CA SER C 29 -16.07 12.43 -2.62
C SER C 29 -15.94 11.28 -3.61
N SER C 30 -17.05 10.61 -3.87
CA SER C 30 -17.04 9.49 -4.82
C SER C 30 -16.83 9.97 -6.24
N HIS C 31 -17.28 11.18 -6.57
CA HIS C 31 -17.06 11.72 -7.91
C HIS C 31 -15.60 12.06 -8.13
N TRP C 32 -14.93 12.55 -7.09
CA TRP C 32 -13.51 12.89 -7.21
C TRP C 32 -12.67 11.63 -7.42
N MET C 33 -13.06 10.52 -6.77
CA MET C 33 -12.28 9.29 -6.90
C MET C 33 -12.43 8.68 -8.30
N MET C 34 -13.60 8.85 -8.92
CA MET C 34 -13.78 8.35 -10.27
C MET C 34 -12.94 9.12 -11.28
N ARG C 35 -12.76 10.43 -11.06
CA ARG C 35 -11.88 11.20 -11.93
C ARG C 35 -10.44 10.76 -11.78
N GLU C 36 -9.95 10.64 -10.55
CA GLU C 36 -8.58 10.18 -10.32
C GLU C 36 -8.38 8.77 -10.87
N ALA C 37 -9.42 7.95 -10.85
CA ALA C 37 -9.32 6.63 -11.48
C ALA C 37 -9.13 6.75 -12.99
N ILE C 38 -9.90 7.63 -13.62
CA ILE C 38 -9.75 7.84 -15.06
C ILE C 38 -8.43 8.54 -15.36
N ARG C 39 -7.99 9.44 -14.48
CA ARG C 39 -6.74 10.16 -14.71
CA ARG C 39 -6.74 10.16 -14.71
C ARG C 39 -5.54 9.22 -14.64
N GLU C 40 -5.52 8.31 -13.65
CA GLU C 40 -4.40 7.39 -13.54
C GLU C 40 -4.42 6.35 -14.65
N TYR C 41 -5.60 6.01 -15.17
CA TYR C 41 -5.68 5.02 -16.23
C TYR C 41 -5.04 5.53 -17.52
N VAL C 42 -5.36 6.76 -17.92
CA VAL C 42 -4.76 7.31 -19.14
C VAL C 42 -3.27 7.53 -18.95
N GLU C 43 -2.86 8.06 -17.78
CA GLU C 43 -1.45 8.32 -17.53
C GLU C 43 -0.62 7.04 -17.60
N ARG C 44 -1.12 5.96 -17.00
CA ARG C 44 -0.37 4.71 -17.02
C ARG C 44 -0.32 4.12 -18.43
N GLU C 45 -1.45 4.12 -19.13
CA GLU C 45 -1.53 3.52 -20.45
C GLU C 45 -0.84 4.36 -21.52
N GLU C 46 -0.70 5.67 -21.30
CA GLU C 46 -0.04 6.52 -22.28
C GLU C 46 1.46 6.28 -22.29
N LYS C 47 2.05 6.02 -21.12
CA LYS C 47 3.47 5.68 -21.07
C LYS C 47 3.75 4.28 -21.60
N ARG C 48 2.72 3.47 -21.80
CA ARG C 48 2.87 2.17 -22.44
C ARG C 48 2.79 2.26 -23.96
N GLU C 49 2.48 3.44 -24.48
CA GLU C 49 2.43 3.66 -25.93
C GLU C 49 3.73 4.30 -26.41
N THR D 3 -26.92 -3.49 -11.57
CA THR D 3 -28.03 -2.99 -12.38
C THR D 3 -27.53 -1.96 -13.40
N ILE D 4 -28.20 -0.82 -13.46
CA ILE D 4 -27.85 0.26 -14.39
C ILE D 4 -27.89 1.55 -13.57
N LYS D 5 -26.73 2.06 -13.17
CA LYS D 5 -26.65 3.34 -12.49
C LYS D 5 -25.93 4.34 -13.37
N PRO D 6 -26.60 5.37 -13.88
CA PRO D 6 -25.88 6.39 -14.66
C PRO D 6 -25.30 7.47 -13.77
N VAL D 7 -23.97 7.58 -13.75
CA VAL D 7 -23.29 8.61 -12.97
C VAL D 7 -22.68 9.61 -13.94
N SER D 8 -22.82 10.90 -13.63
CA SER D 8 -22.24 11.96 -14.43
C SER D 8 -20.89 12.36 -13.83
N VAL D 9 -19.84 12.26 -14.63
CA VAL D 9 -18.48 12.57 -14.19
C VAL D 9 -18.01 13.78 -14.99
N LYS D 10 -17.71 14.87 -14.30
CA LYS D 10 -17.21 16.08 -14.94
C LYS D 10 -15.74 15.91 -15.30
N LEU D 11 -15.44 15.73 -16.58
CA LEU D 11 -14.08 15.64 -17.05
C LEU D 11 -13.75 16.84 -17.92
N ASP D 12 -12.54 17.37 -17.74
CA ASP D 12 -12.07 18.46 -18.58
C ASP D 12 -11.72 17.96 -19.96
N ALA D 13 -11.69 18.90 -20.93
CA ALA D 13 -11.48 18.52 -22.32
C ALA D 13 -10.14 17.82 -22.52
N ASP D 14 -9.15 18.12 -21.68
CA ASP D 14 -7.86 17.47 -21.80
C ASP D 14 -7.96 15.99 -21.43
N ILE D 15 -8.60 15.69 -20.30
CA ILE D 15 -8.73 14.30 -19.88
C ILE D 15 -9.74 13.57 -20.76
N LYS D 16 -10.81 14.26 -21.15
CA LYS D 16 -11.83 13.64 -21.99
C LYS D 16 -11.28 13.30 -23.37
N ALA D 17 -10.36 14.11 -23.90
CA ALA D 17 -9.78 13.81 -25.20
C ALA D 17 -8.74 12.71 -25.13
N ARG D 18 -7.94 12.67 -24.06
CA ARG D 18 -6.91 11.65 -23.96
C ARG D 18 -7.50 10.26 -23.75
N VAL D 19 -8.65 10.16 -23.08
CA VAL D 19 -9.28 8.85 -22.90
C VAL D 19 -9.89 8.37 -24.20
N GLU D 20 -10.47 9.29 -24.98
CA GLU D 20 -11.06 8.90 -26.26
C GLU D 20 -9.97 8.57 -27.28
N HIS D 21 -8.87 9.32 -27.26
CA HIS D 21 -7.76 9.01 -28.15
C HIS D 21 -7.12 7.67 -27.80
N LEU D 22 -7.02 7.37 -26.50
CA LEU D 22 -6.46 6.09 -26.08
C LEU D 22 -7.33 4.93 -26.52
N ALA D 23 -8.66 5.11 -26.47
CA ALA D 23 -9.55 4.04 -26.91
C ALA D 23 -9.50 3.86 -28.43
N GLU D 24 -9.26 4.94 -29.18
CA GLU D 24 -9.18 4.83 -30.63
C GLU D 24 -7.94 4.06 -31.07
N THR D 25 -6.84 4.17 -30.34
CA THR D 25 -5.62 3.49 -30.73
C THR D 25 -5.63 2.02 -30.35
N ARG D 26 -6.45 1.64 -29.38
CA ARG D 26 -6.62 0.24 -28.99
C ARG D 26 -7.94 -0.34 -29.47
N LYS D 27 -8.66 0.40 -30.31
CA LYS D 27 -9.99 0.05 -30.82
C LYS D 27 -10.94 -0.43 -29.73
N ARG D 28 -11.17 0.41 -28.71
CA ARG D 28 -12.09 0.11 -27.63
C ARG D 28 -13.09 1.25 -27.48
N SER D 29 -14.04 1.05 -26.56
CA SER D 29 -15.01 2.07 -26.23
C SER D 29 -14.48 2.98 -25.13
N SER D 30 -14.81 4.27 -25.23
CA SER D 30 -14.41 5.20 -24.18
C SER D 30 -15.13 4.89 -22.87
N HIS D 31 -16.36 4.39 -22.95
CA HIS D 31 -17.08 4.01 -21.74
C HIS D 31 -16.49 2.77 -21.10
N TRP D 32 -16.01 1.83 -21.92
CA TRP D 32 -15.40 0.63 -21.36
C TRP D 32 -14.12 0.95 -20.60
N MET D 33 -13.34 1.91 -21.10
CA MET D 33 -12.11 2.27 -20.40
C MET D 33 -12.41 3.00 -19.10
N MET D 34 -13.50 3.78 -19.06
CA MET D 34 -13.87 4.46 -17.83
C MET D 34 -14.37 3.47 -16.78
N ARG D 35 -15.07 2.41 -17.21
CA ARG D 35 -15.49 1.37 -16.26
C ARG D 35 -14.28 0.64 -15.70
N GLU D 36 -13.37 0.19 -16.58
CA GLU D 36 -12.20 -0.53 -16.12
C GLU D 36 -11.31 0.35 -15.24
N ALA D 37 -11.26 1.65 -15.53
CA ALA D 37 -10.45 2.55 -14.70
C ALA D 37 -11.02 2.63 -13.28
N ILE D 38 -12.34 2.77 -13.17
CA ILE D 38 -12.96 2.80 -11.86
C ILE D 38 -12.88 1.42 -11.21
N ARG D 39 -13.17 0.38 -11.98
CA ARG D 39 -13.12 -1.00 -11.48
C ARG D 39 -11.77 -1.30 -10.83
N GLU D 40 -10.68 -0.94 -11.52
CA GLU D 40 -9.35 -1.22 -10.99
C GLU D 40 -9.00 -0.32 -9.82
N TYR D 41 -9.56 0.89 -9.77
CA TYR D 41 -9.27 1.81 -8.67
C TYR D 41 -9.82 1.27 -7.35
N VAL D 42 -11.08 0.81 -7.37
CA VAL D 42 -11.67 0.29 -6.14
C VAL D 42 -10.94 -0.97 -5.69
N GLU D 43 -10.64 -1.87 -6.63
CA GLU D 43 -9.95 -3.11 -6.27
C GLU D 43 -8.60 -2.83 -5.62
N ARG D 44 -7.83 -1.91 -6.18
CA ARG D 44 -6.53 -1.61 -5.59
C ARG D 44 -6.67 -0.91 -4.24
N GLU D 45 -7.57 0.07 -4.14
CA GLU D 45 -7.66 0.84 -2.91
C GLU D 45 -8.36 0.08 -1.80
N GLU D 46 -9.27 -0.85 -2.13
CA GLU D 46 -9.93 -1.63 -1.07
C GLU D 46 -9.01 -2.70 -0.51
N LYS D 47 -8.12 -3.27 -1.32
CA LYS D 47 -7.16 -4.23 -0.78
C LYS D 47 -6.14 -3.57 0.12
N ARG D 48 -6.01 -2.24 0.05
CA ARG D 48 -5.19 -1.48 0.96
C ARG D 48 -5.96 -1.11 2.22
N GLU D 49 -7.25 -1.41 2.27
CA GLU D 49 -8.08 -1.12 3.43
C GLU D 49 -8.26 -2.34 4.32
N ALA D 50 -7.47 -3.39 4.11
CA ALA D 50 -7.58 -4.63 4.87
C ALA D 50 -6.23 -5.04 5.45
N THR E 3 -21.05 -11.54 11.50
CA THR E 3 -21.14 -10.29 10.75
C THR E 3 -20.25 -9.21 11.37
N ILE E 4 -19.74 -8.32 10.52
CA ILE E 4 -18.85 -7.26 10.96
C ILE E 4 -19.67 -6.19 11.68
N LYS E 5 -19.21 -5.79 12.86
CA LYS E 5 -19.96 -4.89 13.74
C LYS E 5 -19.19 -3.61 13.99
N PRO E 6 -19.72 -2.45 13.61
CA PRO E 6 -19.04 -1.17 13.86
C PRO E 6 -19.25 -0.70 15.29
N VAL E 7 -18.16 -0.50 16.02
CA VAL E 7 -18.20 -0.03 17.40
C VAL E 7 -17.80 1.43 17.43
N SER E 8 -18.46 2.20 18.29
CA SER E 8 -18.22 3.63 18.42
C SER E 8 -17.21 3.90 19.55
N VAL E 9 -16.13 4.59 19.23
CA VAL E 9 -15.07 4.93 20.18
C VAL E 9 -15.08 6.44 20.36
N LYS E 10 -15.39 6.89 21.57
CA LYS E 10 -15.39 8.31 21.89
C LYS E 10 -13.96 8.78 22.12
N LEU E 11 -13.44 9.57 21.17
CA LEU E 11 -12.11 10.15 21.25
C LEU E 11 -12.24 11.66 21.40
N ASP E 12 -11.37 12.25 22.21
CA ASP E 12 -11.37 13.69 22.35
C ASP E 12 -10.80 14.33 21.09
N ALA E 13 -11.11 15.62 20.91
CA ALA E 13 -10.74 16.31 19.67
C ALA E 13 -9.23 16.33 19.46
N ASP E 14 -8.45 16.26 20.53
CA ASP E 14 -7.00 16.29 20.38
C ASP E 14 -6.49 15.00 19.74
N ILE E 15 -6.95 13.84 20.23
CA ILE E 15 -6.48 12.56 19.69
C ILE E 15 -7.07 12.30 18.31
N LYS E 16 -8.34 12.67 18.10
CA LYS E 16 -8.96 12.40 16.81
C LYS E 16 -8.28 13.17 15.69
N ALA E 17 -7.77 14.37 15.99
CA ALA E 17 -7.07 15.14 14.98
C ALA E 17 -5.65 14.62 14.76
N ARG E 18 -4.99 14.17 15.82
CA ARG E 18 -3.63 13.65 15.66
C ARG E 18 -3.60 12.34 14.88
N VAL E 19 -4.68 11.56 14.91
CA VAL E 19 -4.70 10.32 14.13
C VAL E 19 -4.80 10.64 12.64
N GLU E 20 -5.62 11.62 12.26
CA GLU E 20 -5.72 11.96 10.85
C GLU E 20 -4.49 12.73 10.37
N HIS E 21 -3.91 13.55 11.24
CA HIS E 21 -2.61 14.16 10.92
C HIS E 21 -1.55 13.10 10.72
N LEU E 22 -1.64 11.99 11.46
CA LEU E 22 -0.77 10.85 11.23
C LEU E 22 -1.16 10.12 9.95
N ALA E 23 -2.47 10.06 9.65
CA ALA E 23 -2.93 9.40 8.44
C ALA E 23 -2.53 10.16 7.19
N GLU E 24 -2.37 11.49 7.29
CA GLU E 24 -1.97 12.29 6.13
C GLU E 24 -0.56 11.96 5.68
N THR E 25 0.31 11.56 6.60
CA THR E 25 1.70 11.29 6.24
C THR E 25 1.88 9.97 5.53
N ARG E 26 0.94 9.04 5.68
CA ARG E 26 0.94 7.77 5.00
C ARG E 26 -0.21 7.74 4.01
N LYS E 27 -0.31 6.64 3.26
CA LYS E 27 -1.40 6.50 2.29
C LYS E 27 -2.69 6.04 2.95
N ARG E 28 -2.65 5.76 4.25
CA ARG E 28 -3.70 5.04 4.95
C ARG E 28 -4.76 6.00 5.48
N SER E 29 -5.96 5.45 5.65
CA SER E 29 -7.07 6.17 6.24
C SER E 29 -6.94 6.22 7.76
N SER E 30 -7.59 7.23 8.36
CA SER E 30 -7.67 7.29 9.81
C SER E 30 -8.41 6.08 10.38
N HIS E 31 -9.37 5.55 9.62
CA HIS E 31 -10.11 4.38 10.08
C HIS E 31 -9.23 3.13 10.03
N TRP E 32 -8.34 3.04 9.04
CA TRP E 32 -7.45 1.89 8.92
C TRP E 32 -6.46 1.86 10.07
N MET E 33 -5.98 3.03 10.50
CA MET E 33 -4.98 3.07 11.56
C MET E 33 -5.57 2.70 12.92
N MET E 34 -6.85 3.02 13.13
CA MET E 34 -7.49 2.65 14.39
C MET E 34 -7.66 1.13 14.50
N ARG E 35 -7.91 0.45 13.38
CA ARG E 35 -7.97 -1.02 13.41
C ARG E 35 -6.61 -1.61 13.74
N GLU E 36 -5.56 -1.14 13.07
N GLU E 36 -5.55 -1.13 13.09
CA GLU E 36 -4.21 -1.62 13.36
CA GLU E 36 -4.21 -1.63 13.37
C GLU E 36 -3.79 -1.26 14.79
C GLU E 36 -3.75 -1.24 14.77
N ALA E 37 -4.23 -0.09 15.27
CA ALA E 37 -3.88 0.31 16.64
C ALA E 37 -4.50 -0.64 17.66
N ILE E 38 -5.78 -0.98 17.47
CA ILE E 38 -6.43 -1.92 18.36
C ILE E 38 -5.86 -3.32 18.17
N ARG E 39 -5.61 -3.70 16.91
CA ARG E 39 -5.11 -5.05 16.62
C ARG E 39 -3.78 -5.31 17.31
N GLU E 40 -2.88 -4.33 17.30
CA GLU E 40 -1.60 -4.50 17.98
C GLU E 40 -1.75 -4.53 19.50
N TYR E 41 -2.78 -3.85 20.02
CA TYR E 41 -3.00 -3.84 21.46
C TYR E 41 -3.37 -5.22 21.96
N VAL E 42 -4.32 -5.89 21.29
CA VAL E 42 -4.72 -7.22 21.71
C VAL E 42 -3.58 -8.20 21.52
N GLU E 43 -2.89 -8.13 20.38
CA GLU E 43 -1.78 -9.06 20.12
C GLU E 43 -0.68 -8.91 21.16
N ARG E 44 -0.34 -7.66 21.52
CA ARG E 44 0.72 -7.46 22.51
C ARG E 44 0.27 -7.91 23.90
N GLU E 45 -0.95 -7.55 24.30
CA GLU E 45 -1.41 -7.85 25.66
C GLU E 45 -1.78 -9.32 25.82
N GLU E 46 -2.17 -10.00 24.75
CA GLU E 46 -2.50 -11.41 24.87
C GLU E 46 -1.25 -12.27 25.06
N LYS E 47 -0.15 -11.88 24.41
CA LYS E 47 1.12 -12.57 24.64
C LYS E 47 1.74 -12.23 25.98
N ARG E 48 1.25 -11.19 26.66
CA ARG E 48 1.65 -10.85 28.02
C ARG E 48 0.86 -11.61 29.06
N GLU E 49 -0.11 -12.42 28.65
CA GLU E 49 -0.89 -13.26 29.56
C GLU E 49 -0.31 -14.64 29.82
N ALA E 50 1.02 -14.74 29.76
CA ALA E 50 1.76 -15.99 29.76
C ALA E 50 1.52 -16.76 28.46
N THR F 3 23.97 -21.78 23.00
CA THR F 3 23.93 -21.02 21.76
C THR F 3 23.21 -19.69 21.94
N ILE F 4 23.05 -19.27 23.20
CA ILE F 4 22.45 -17.98 23.53
C ILE F 4 23.57 -16.95 23.57
N LYS F 5 23.52 -15.98 22.65
CA LYS F 5 24.61 -15.03 22.48
C LYS F 5 24.27 -13.71 23.16
N PRO F 6 25.05 -13.28 24.16
CA PRO F 6 24.80 -12.00 24.83
C PRO F 6 25.40 -10.86 24.02
N VAL F 7 24.56 -9.91 23.64
CA VAL F 7 24.96 -8.74 22.86
C VAL F 7 25.01 -7.53 23.78
N SER F 8 25.99 -6.66 23.53
CA SER F 8 26.17 -5.45 24.33
C SER F 8 25.38 -4.30 23.71
N VAL F 9 24.51 -3.69 24.50
CA VAL F 9 23.63 -2.61 24.06
C VAL F 9 24.04 -1.33 24.76
N LYS F 10 24.45 -0.34 23.97
CA LYS F 10 24.87 0.96 24.51
C LYS F 10 23.61 1.76 24.87
N LEU F 11 23.37 1.93 26.16
CA LEU F 11 22.26 2.72 26.66
C LEU F 11 22.78 3.94 27.41
N ASP F 12 22.14 5.08 27.19
CA ASP F 12 22.53 6.29 27.90
C ASP F 12 22.06 6.24 29.35
N ALA F 13 22.70 7.04 30.19
CA ALA F 13 22.39 7.01 31.62
C ALA F 13 20.96 7.42 31.91
N ASP F 14 20.36 8.24 31.04
CA ASP F 14 18.98 8.68 31.26
C ASP F 14 18.01 7.53 31.08
N ILE F 15 18.14 6.79 29.98
CA ILE F 15 17.23 5.68 29.72
C ILE F 15 17.56 4.49 30.62
N LYS F 16 18.85 4.29 30.91
CA LYS F 16 19.26 3.17 31.75
C LYS F 16 18.69 3.30 33.16
N ALA F 17 18.53 4.52 33.66
CA ALA F 17 17.93 4.72 34.97
C ALA F 17 16.42 4.52 34.92
N ARG F 18 15.79 4.92 33.81
CA ARG F 18 14.34 4.77 33.69
C ARG F 18 13.92 3.31 33.64
N VAL F 19 14.80 2.44 33.14
CA VAL F 19 14.50 1.01 33.11
C VAL F 19 14.57 0.43 34.52
N GLU F 20 15.49 0.93 35.34
CA GLU F 20 15.68 0.38 36.67
C GLU F 20 14.49 0.67 37.58
N HIS F 21 14.19 1.95 37.83
CA HIS F 21 13.09 2.23 38.75
C HIS F 21 11.73 1.91 38.14
N LEU F 22 11.65 1.58 36.85
CA LEU F 22 10.45 0.94 36.35
C LEU F 22 10.42 -0.52 36.78
N ALA F 23 11.58 -1.18 36.75
CA ALA F 23 11.68 -2.56 37.21
C ALA F 23 11.56 -2.63 38.73
N GLU F 24 12.01 -1.58 39.42
CA GLU F 24 11.92 -1.55 40.88
C GLU F 24 10.48 -1.41 41.34
N THR F 25 9.64 -0.72 40.56
CA THR F 25 8.25 -0.50 40.96
C THR F 25 7.35 -1.70 40.68
N ARG F 26 7.74 -2.58 39.74
CA ARG F 26 7.00 -3.81 39.49
C ARG F 26 7.65 -5.08 40.03
N LYS F 27 8.68 -4.94 40.86
CA LYS F 27 9.45 -6.05 41.43
C LYS F 27 9.83 -7.05 40.35
N ARG F 28 10.44 -6.57 39.27
CA ARG F 28 10.90 -7.42 38.18
C ARG F 28 12.32 -7.01 37.81
N SER F 29 13.00 -7.87 37.07
CA SER F 29 14.39 -7.61 36.68
CA SER F 29 14.39 -7.60 36.69
C SER F 29 14.43 -6.64 35.51
N SER F 30 15.34 -5.67 35.59
CA SER F 30 15.46 -4.68 34.52
C SER F 30 16.00 -5.30 33.24
N HIS F 31 16.84 -6.35 33.36
CA HIS F 31 17.33 -7.01 32.16
C HIS F 31 16.23 -7.80 31.47
N TRP F 32 15.29 -8.37 32.25
CA TRP F 32 14.20 -9.12 31.66
C TRP F 32 13.29 -8.24 30.82
N MET F 33 13.09 -6.99 31.24
CA MET F 33 12.22 -6.11 30.46
C MET F 33 12.87 -5.74 29.13
N MET F 34 14.20 -5.65 29.11
CA MET F 34 14.90 -5.35 27.86
C MET F 34 14.77 -6.50 26.87
N ARG F 35 14.78 -7.73 27.37
CA ARG F 35 14.57 -8.89 26.50
C ARG F 35 13.15 -8.93 25.95
N GLU F 36 12.17 -8.54 26.77
CA GLU F 36 10.79 -8.47 26.29
C GLU F 36 10.56 -7.25 25.41
N ALA F 37 11.30 -6.18 25.64
CA ALA F 37 11.24 -5.01 24.75
C ALA F 37 11.69 -5.38 23.34
N ILE F 38 12.74 -6.19 23.23
CA ILE F 38 13.24 -6.60 21.91
C ILE F 38 12.23 -7.49 21.21
N ARG F 39 11.67 -8.46 21.94
CA ARG F 39 10.74 -9.42 21.32
C ARG F 39 9.51 -8.71 20.77
N GLU F 40 8.90 -7.82 21.57
CA GLU F 40 7.70 -7.13 21.13
C GLU F 40 8.00 -6.19 19.96
N TYR F 41 9.22 -5.65 19.91
CA TYR F 41 9.58 -4.78 18.80
C TYR F 41 9.65 -5.56 17.49
N VAL F 42 10.31 -6.72 17.51
CA VAL F 42 10.42 -7.53 16.31
C VAL F 42 9.06 -8.07 15.89
N GLU F 43 8.26 -8.54 16.84
CA GLU F 43 6.95 -9.10 16.51
C GLU F 43 6.05 -8.07 15.83
N ARG F 44 6.02 -6.84 16.33
CA ARG F 44 5.19 -5.81 15.72
C ARG F 44 5.74 -5.39 14.36
N GLU F 45 7.06 -5.21 14.26
CA GLU F 45 7.63 -4.71 13.01
C GLU F 45 7.66 -5.78 11.93
N GLU F 46 7.69 -7.06 12.31
CA GLU F 46 7.66 -8.12 11.30
C GLU F 46 6.27 -8.23 10.68
N LYS F 47 5.23 -8.02 11.47
CA LYS F 47 3.88 -8.02 10.92
C LYS F 47 3.56 -6.78 10.10
N ARG F 48 4.35 -5.71 10.23
CA ARG F 48 4.17 -4.56 9.38
C ARG F 48 4.94 -4.65 8.07
N GLU F 49 5.83 -5.64 7.94
CA GLU F 49 6.55 -5.90 6.71
C GLU F 49 5.97 -7.07 5.93
N ALA F 50 4.83 -7.61 6.38
CA ALA F 50 4.25 -8.81 5.81
C ALA F 50 5.26 -9.96 5.82
N LEU F 51 5.98 -10.09 6.94
CA LEU F 51 7.02 -11.10 7.11
C LEU F 51 8.05 -11.05 5.99
#